data_5AM4
#
_entry.id   5AM4
#
_cell.length_a   92.176
_cell.length_b   92.176
_cell.length_c   243.276
_cell.angle_alpha   90.00
_cell.angle_beta   90.00
_cell.angle_gamma   120.00
#
_symmetry.space_group_name_H-M   'P 65 2 2'
#
loop_
_entity.id
_entity.type
_entity.pdbx_description
1 polymer 'BIFUNCTIONAL EPOXIDE HYDROLASE 2'
2 non-polymer 'SULFATE ION'
3 non-polymer 'DIMETHYL SULFOXIDE'
4 non-polymer "5-cyclohexylspiro[1H-indole-3,4'-oxane]-2-one"
5 water water
#
_entity_poly.entity_id   1
_entity_poly.type   'polypeptide(L)'
_entity_poly.pdbx_seq_one_letter_code
;GMTLRAAVFDLDGVLALPAVFGVLGRTEEALALPRGLLNDAFQKGGPEGATTRLMKGEITLSQWIPLMEENCRKCSETAK
VCLPKNFSIKEIFDKAISARKINRPMLQAALMLRKKGFTTAILTNTWLDDRAERDGLAQLMCELKMHFDFLIESCQVGMV
KPEPQIYKFLLDTLKASPSEVVFLDDIGANLKPARDLGMVTILVQDTDTALKELEKVTGIQLLNTPAPLPTSCNPSDMSH
GYVTVKPRVRLHFVELGSGPAVCLCHGFPESWYSWRYQIPALAQAGYRVLAMDMKGYGESSAPPEIEEYCMEVLCKEMVT
FLDKLGLSQAVFIGHDWGGMLVWYMALFYPERVRAVASLNTPFIPANPNMSPLESIKANPVFDYQLYFQEPGVAEAELEQ
NLSRTFKSLFRASDESVLSMHKVCEAGGLFVNSPEEPSLSRMVTEEEIQFYVQQFKKSGFRGPLNWYRNMERNWKWACKS
LGRKILIPALMVTAEKDFVLVPQMSQHMEDWIPHLKRGHIEDCGHWTQMDKPTEVNQILIKWLDSDARN
;
_entity_poly.pdbx_strand_id   A
#
# COMPACT_ATOMS: atom_id res chain seq x y z
N THR A 3 6.33 5.00 -32.94
CA THR A 3 5.79 4.05 -31.98
C THR A 3 5.26 4.75 -30.70
N LEU A 4 4.19 4.22 -30.13
CA LEU A 4 3.56 4.82 -28.95
C LEU A 4 4.45 4.66 -27.73
N ARG A 5 4.64 5.75 -26.98
CA ARG A 5 5.36 5.74 -25.70
C ARG A 5 4.61 6.47 -24.55
N ALA A 6 3.44 7.07 -24.84
CA ALA A 6 2.68 7.76 -23.78
C ALA A 6 1.19 7.51 -23.88
N ALA A 7 0.52 7.42 -22.72
CA ALA A 7 -0.92 7.20 -22.67
C ALA A 7 -1.53 8.21 -21.70
N VAL A 8 -2.55 8.92 -22.18
CA VAL A 8 -3.23 10.01 -21.48
C VAL A 8 -4.66 9.61 -21.26
N PHE A 9 -5.12 9.78 -20.02
CA PHE A 9 -6.46 9.40 -19.61
C PHE A 9 -7.21 10.58 -19.05
N ASP A 10 -8.51 10.65 -19.37
CA ASP A 10 -9.41 11.65 -18.81
C ASP A 10 -9.78 11.09 -17.41
N LEU A 11 -10.29 11.94 -16.52
CA LEU A 11 -10.71 11.50 -15.19
C LEU A 11 -12.19 11.12 -15.22
N ASP A 12 -13.08 12.11 -15.37
CA ASP A 12 -14.53 11.92 -15.39
C ASP A 12 -14.94 11.05 -16.58
N GLY A 13 -15.54 9.90 -16.28
CA GLY A 13 -16.03 8.93 -17.26
C GLY A 13 -14.99 7.97 -17.83
N VAL A 14 -13.73 8.10 -17.40
CA VAL A 14 -12.64 7.24 -17.87
C VAL A 14 -11.98 6.56 -16.66
N LEU A 15 -11.19 7.32 -15.85
CA LEU A 15 -10.56 6.76 -14.65
C LEU A 15 -11.51 6.70 -13.44
N ALA A 16 -12.63 7.46 -13.49
CA ALA A 16 -13.61 7.50 -12.42
C ALA A 16 -15.04 7.38 -12.98
N LEU A 17 -15.84 6.46 -12.40
CA LEU A 17 -17.21 6.16 -12.84
C LEU A 17 -18.22 6.23 -11.70
N PRO A 18 -19.41 6.85 -11.92
CA PRO A 18 -19.91 7.42 -13.18
C PRO A 18 -19.50 8.88 -13.47
N ALA A 19 -19.64 9.28 -14.73
CA ALA A 19 -19.35 10.65 -15.17
C ALA A 19 -20.42 11.62 -14.65
N VAL A 20 -20.07 12.92 -14.49
CA VAL A 20 -20.98 13.98 -14.01
C VAL A 20 -22.20 14.14 -14.95
N PHE A 21 -21.99 14.09 -16.27
CA PHE A 21 -23.03 14.17 -17.32
C PHE A 21 -24.07 13.07 -17.09
N GLY A 22 -23.59 11.88 -16.72
CA GLY A 22 -24.43 10.71 -16.43
C GLY A 22 -25.35 10.94 -15.25
N VAL A 23 -24.82 11.58 -14.18
CA VAL A 23 -25.56 11.89 -12.95
C VAL A 23 -26.56 13.02 -13.21
N LEU A 24 -26.19 14.02 -14.04
CA LEU A 24 -27.11 15.10 -14.40
C LEU A 24 -28.31 14.52 -15.19
N GLY A 25 -28.03 13.54 -16.05
CA GLY A 25 -29.03 12.83 -16.84
C GLY A 25 -29.96 12.02 -15.95
N ARG A 26 -29.38 11.32 -14.93
CA ARG A 26 -30.19 10.53 -13.98
C ARG A 26 -31.00 11.44 -13.10
N THR A 27 -30.45 12.63 -12.77
CA THR A 27 -31.16 13.61 -11.93
C THR A 27 -32.37 14.14 -12.67
N GLU A 28 -32.21 14.49 -13.95
CA GLU A 28 -33.28 14.99 -14.82
C GLU A 28 -34.45 14.00 -14.81
N GLU A 29 -34.16 12.68 -14.98
CA GLU A 29 -35.18 11.63 -14.98
C GLU A 29 -35.93 11.53 -13.65
N ALA A 30 -35.18 11.46 -12.53
CA ALA A 30 -35.74 11.36 -11.17
C ALA A 30 -36.64 12.56 -10.82
N LEU A 31 -36.27 13.75 -11.30
CA LEU A 31 -37.03 14.98 -11.05
C LEU A 31 -38.09 15.24 -12.14
N ALA A 32 -38.22 14.33 -13.13
CA ALA A 32 -39.13 14.45 -14.29
C ALA A 32 -38.91 15.79 -15.03
N LEU A 33 -37.64 16.23 -15.13
CA LEU A 33 -37.31 17.47 -15.83
C LEU A 33 -37.13 17.15 -17.31
N PRO A 34 -37.23 18.16 -18.21
CA PRO A 34 -36.94 17.90 -19.63
C PRO A 34 -35.55 17.28 -19.81
N ARG A 35 -35.44 16.36 -20.76
CA ARG A 35 -34.18 15.70 -21.07
C ARG A 35 -33.15 16.77 -21.47
N GLY A 36 -31.97 16.68 -20.89
CA GLY A 36 -30.87 17.58 -21.18
C GLY A 36 -30.92 18.96 -20.53
N LEU A 37 -31.98 19.28 -19.76
CA LEU A 37 -32.13 20.59 -19.08
C LEU A 37 -30.89 20.95 -18.19
N LEU A 38 -30.48 20.03 -17.33
CA LEU A 38 -29.34 20.27 -16.43
C LEU A 38 -28.01 20.33 -17.17
N ASN A 39 -27.82 19.47 -18.20
CA ASN A 39 -26.60 19.48 -19.00
C ASN A 39 -26.50 20.76 -19.85
N ASP A 40 -27.64 21.28 -20.28
CA ASP A 40 -27.72 22.54 -21.02
C ASP A 40 -27.33 23.70 -20.07
N ALA A 41 -27.92 23.75 -18.86
CA ALA A 41 -27.60 24.80 -17.88
C ALA A 41 -26.12 24.76 -17.49
N PHE A 42 -25.57 23.54 -17.33
CA PHE A 42 -24.17 23.29 -17.01
C PHE A 42 -23.23 23.87 -18.06
N GLN A 43 -23.52 23.65 -19.33
CA GLN A 43 -22.65 24.16 -20.38
C GLN A 43 -22.99 25.57 -20.87
N LYS A 44 -24.08 26.18 -20.35
CA LYS A 44 -24.58 27.49 -20.80
C LYS A 44 -23.51 28.57 -20.94
N GLY A 45 -23.53 29.26 -22.08
CA GLY A 45 -22.59 30.33 -22.40
C GLY A 45 -21.32 29.86 -23.09
N GLY A 46 -21.13 28.54 -23.20
CA GLY A 46 -19.95 27.94 -23.82
C GLY A 46 -18.63 28.49 -23.26
N PRO A 47 -17.69 28.95 -24.12
CA PRO A 47 -16.41 29.50 -23.63
C PRO A 47 -16.53 30.72 -22.71
N GLU A 48 -17.62 31.46 -22.85
CA GLU A 48 -17.91 32.68 -22.10
C GLU A 48 -18.71 32.39 -20.80
N GLY A 49 -19.16 31.14 -20.64
CA GLY A 49 -20.00 30.74 -19.52
C GLY A 49 -19.35 30.53 -18.16
N ALA A 50 -20.21 30.33 -17.16
CA ALA A 50 -19.86 30.11 -15.75
C ALA A 50 -18.97 28.85 -15.56
N THR A 51 -19.32 27.78 -16.24
CA THR A 51 -18.59 26.51 -16.14
C THR A 51 -17.20 26.58 -16.73
N THR A 52 -17.02 27.33 -17.86
CA THR A 52 -15.67 27.51 -18.40
C THR A 52 -14.81 28.32 -17.40
N ARG A 53 -15.41 29.35 -16.76
CA ARG A 53 -14.69 30.15 -15.76
C ARG A 53 -14.23 29.26 -14.59
N LEU A 54 -15.10 28.36 -14.15
CA LEU A 54 -14.83 27.41 -13.08
C LEU A 54 -13.69 26.45 -13.47
N MET A 55 -13.78 25.83 -14.66
CA MET A 55 -12.80 24.88 -15.16
C MET A 55 -11.42 25.52 -15.38
N LYS A 56 -11.36 26.82 -15.66
CA LYS A 56 -10.11 27.56 -15.86
C LYS A 56 -9.53 28.09 -14.53
N GLY A 57 -10.23 27.85 -13.41
CA GLY A 57 -9.79 28.27 -12.08
C GLY A 57 -10.06 29.73 -11.77
N GLU A 58 -10.94 30.39 -12.55
CA GLU A 58 -11.24 31.80 -12.32
C GLU A 58 -12.02 31.97 -11.02
N ILE A 59 -12.93 30.99 -10.74
CA ILE A 59 -13.80 30.97 -9.57
C ILE A 59 -13.76 29.57 -8.95
N THR A 60 -14.17 29.44 -7.70
CA THR A 60 -14.20 28.14 -7.04
C THR A 60 -15.58 27.49 -7.22
N LEU A 61 -15.68 26.22 -6.85
CA LEU A 61 -16.95 25.47 -6.95
C LEU A 61 -18.08 26.15 -6.16
N SER A 62 -17.82 26.63 -4.93
CA SER A 62 -18.86 27.31 -4.13
C SER A 62 -19.32 28.61 -4.78
N GLN A 63 -18.40 29.33 -5.46
CA GLN A 63 -18.75 30.56 -6.20
C GLN A 63 -19.62 30.22 -7.41
N TRP A 64 -19.35 29.08 -8.06
CA TRP A 64 -20.07 28.64 -9.27
C TRP A 64 -21.50 28.17 -8.99
N ILE A 65 -21.74 27.48 -7.86
CA ILE A 65 -23.08 26.96 -7.49
C ILE A 65 -24.26 27.93 -7.73
N PRO A 66 -24.24 29.22 -7.26
CA PRO A 66 -25.36 30.13 -7.57
C PRO A 66 -25.47 30.47 -9.05
N LEU A 67 -24.34 30.43 -9.80
CA LEU A 67 -24.39 30.72 -11.24
C LEU A 67 -25.10 29.59 -11.94
N MET A 68 -24.79 28.34 -11.56
CA MET A 68 -25.45 27.13 -12.09
C MET A 68 -26.96 27.18 -11.74
N GLU A 69 -27.31 27.60 -10.49
CA GLU A 69 -28.69 27.78 -10.04
C GLU A 69 -29.46 28.72 -11.00
N GLU A 70 -28.89 29.93 -11.30
CA GLU A 70 -29.50 30.89 -12.19
C GLU A 70 -29.67 30.33 -13.61
N ASN A 71 -28.65 29.57 -14.12
CA ASN A 71 -28.73 28.96 -15.45
C ASN A 71 -29.83 27.91 -15.48
N CYS A 72 -30.01 27.17 -14.37
CA CYS A 72 -31.10 26.21 -14.26
C CYS A 72 -32.46 26.90 -14.26
N ARG A 73 -32.61 28.06 -13.57
CA ARG A 73 -33.82 28.89 -13.56
C ARG A 73 -34.10 29.40 -14.98
N LYS A 74 -33.06 29.95 -15.66
CA LYS A 74 -33.16 30.51 -17.02
C LYS A 74 -33.62 29.41 -17.99
N CYS A 75 -32.97 28.24 -17.97
CA CYS A 75 -33.33 27.11 -18.84
C CYS A 75 -34.78 26.61 -18.57
N SER A 76 -35.17 26.47 -17.28
CA SER A 76 -36.52 26.06 -16.89
CA SER A 76 -36.52 26.05 -16.91
C SER A 76 -37.57 27.07 -17.42
N GLU A 77 -37.28 28.38 -17.32
CA GLU A 77 -38.16 29.47 -17.78
C GLU A 77 -38.42 29.35 -19.30
N THR A 78 -37.35 29.15 -20.10
CA THR A 78 -37.41 29.03 -21.55
C THR A 78 -38.14 27.73 -21.97
N ALA A 79 -37.90 26.63 -21.23
CA ALA A 79 -38.54 25.35 -21.52
C ALA A 79 -39.99 25.32 -20.98
N LYS A 80 -40.42 26.39 -20.25
CA LYS A 80 -41.77 26.54 -19.67
C LYS A 80 -42.11 25.38 -18.70
N VAL A 81 -41.14 25.04 -17.85
CA VAL A 81 -41.25 24.00 -16.82
C VAL A 81 -40.90 24.63 -15.47
N CYS A 82 -41.28 23.98 -14.39
CA CYS A 82 -40.95 24.46 -13.05
C CYS A 82 -39.96 23.50 -12.43
N LEU A 83 -38.90 24.05 -11.84
CA LEU A 83 -37.93 23.29 -11.07
C LEU A 83 -38.66 22.93 -9.78
N PRO A 84 -38.40 21.74 -9.18
CA PRO A 84 -39.10 21.39 -7.94
C PRO A 84 -38.77 22.36 -6.80
N LYS A 85 -39.70 22.47 -5.84
CA LYS A 85 -39.64 23.29 -4.64
C LYS A 85 -38.30 23.14 -3.87
N ASN A 86 -37.78 21.90 -3.75
CA ASN A 86 -36.55 21.58 -3.03
C ASN A 86 -35.29 21.53 -3.91
N PHE A 87 -35.38 22.01 -5.17
CA PHE A 87 -34.25 21.98 -6.11
C PHE A 87 -33.00 22.62 -5.49
N SER A 88 -31.90 21.85 -5.48
CA SER A 88 -30.62 22.28 -4.91
C SER A 88 -29.41 21.79 -5.71
N ILE A 89 -28.72 22.72 -6.40
CA ILE A 89 -27.50 22.36 -7.17
C ILE A 89 -26.43 21.80 -6.22
N LYS A 90 -26.29 22.38 -5.03
CA LYS A 90 -25.36 21.92 -3.99
C LYS A 90 -25.58 20.42 -3.66
N GLU A 91 -26.85 20.00 -3.40
CA GLU A 91 -27.17 18.61 -3.09
C GLU A 91 -26.93 17.72 -4.31
N ILE A 92 -27.37 18.15 -5.52
CA ILE A 92 -27.18 17.41 -6.78
C ILE A 92 -25.68 17.13 -7.00
N PHE A 93 -24.83 18.18 -6.90
CA PHE A 93 -23.40 18.00 -7.10
C PHE A 93 -22.66 17.25 -6.02
N ASP A 94 -23.04 17.43 -4.72
CA ASP A 94 -22.44 16.68 -3.60
C ASP A 94 -22.60 15.18 -3.86
N LYS A 95 -23.82 14.74 -4.24
CA LYS A 95 -24.14 13.34 -4.54
C LYS A 95 -23.36 12.81 -5.75
N ALA A 96 -23.32 13.57 -6.87
CA ALA A 96 -22.57 13.20 -8.09
C ALA A 96 -21.08 12.97 -7.78
N ILE A 97 -20.43 13.94 -7.08
CA ILE A 97 -19.01 13.85 -6.70
C ILE A 97 -18.76 12.64 -5.76
N SER A 98 -19.62 12.48 -4.75
CA SER A 98 -19.55 11.42 -3.74
C SER A 98 -19.74 10.00 -4.30
N ALA A 99 -20.57 9.85 -5.37
CA ALA A 99 -20.86 8.54 -5.98
C ALA A 99 -19.69 8.01 -6.83
N ARG A 100 -18.85 8.91 -7.32
CA ARG A 100 -17.70 8.62 -8.19
C ARG A 100 -16.67 7.71 -7.52
N LYS A 101 -16.35 6.63 -8.19
CA LYS A 101 -15.38 5.65 -7.73
C LYS A 101 -14.39 5.39 -8.85
N ILE A 102 -13.19 4.93 -8.51
CA ILE A 102 -12.13 4.60 -9.45
C ILE A 102 -12.58 3.46 -10.34
N ASN A 103 -12.36 3.61 -11.64
CA ASN A 103 -12.66 2.58 -12.61
C ASN A 103 -11.44 1.68 -12.57
N ARG A 104 -11.49 0.65 -11.73
CA ARG A 104 -10.37 -0.28 -11.46
C ARG A 104 -9.76 -0.94 -12.71
N PRO A 105 -10.53 -1.50 -13.69
CA PRO A 105 -9.88 -2.03 -14.91
C PRO A 105 -9.10 -0.96 -15.73
N MET A 106 -9.62 0.29 -15.80
CA MET A 106 -8.93 1.39 -16.50
C MET A 106 -7.61 1.74 -15.80
N LEU A 107 -7.63 1.86 -14.45
CA LEU A 107 -6.43 2.13 -13.66
C LEU A 107 -5.42 1.00 -13.85
N GLN A 108 -5.86 -0.27 -13.81
CA GLN A 108 -4.93 -1.40 -14.01
C GLN A 108 -4.28 -1.35 -15.38
N ALA A 109 -5.02 -0.95 -16.43
CA ALA A 109 -4.45 -0.85 -17.78
C ALA A 109 -3.37 0.25 -17.80
N ALA A 110 -3.67 1.42 -17.19
CA ALA A 110 -2.73 2.55 -17.07
C ALA A 110 -1.46 2.06 -16.37
N LEU A 111 -1.64 1.30 -15.27
CA LEU A 111 -0.53 0.71 -14.50
C LEU A 111 0.31 -0.26 -15.33
N MET A 112 -0.34 -1.14 -16.11
CA MET A 112 0.36 -2.10 -16.97
C MET A 112 1.19 -1.38 -18.04
N LEU A 113 0.63 -0.31 -18.64
CA LEU A 113 1.33 0.47 -19.65
C LEU A 113 2.58 1.15 -19.08
N ARG A 114 2.49 1.73 -17.88
CA ARG A 114 3.61 2.40 -17.22
C ARG A 114 4.73 1.38 -16.87
N LYS A 115 4.32 0.18 -16.45
CA LYS A 115 5.18 -0.95 -16.12
C LYS A 115 5.96 -1.38 -17.38
N LYS A 116 5.34 -1.22 -18.58
CA LYS A 116 5.96 -1.55 -19.87
C LYS A 116 6.78 -0.40 -20.51
N GLY A 117 6.94 0.70 -19.78
CA GLY A 117 7.76 1.82 -20.27
C GLY A 117 7.03 3.06 -20.74
N PHE A 118 5.68 3.04 -20.72
CA PHE A 118 4.90 4.21 -21.15
C PHE A 118 4.92 5.33 -20.11
N THR A 119 4.98 6.58 -20.58
CA THR A 119 4.81 7.75 -19.74
C THR A 119 3.30 7.91 -19.63
N THR A 120 2.74 7.96 -18.43
CA THR A 120 1.27 8.09 -18.35
C THR A 120 0.84 9.42 -17.74
N ALA A 121 -0.35 9.90 -18.11
CA ALA A 121 -0.84 11.16 -17.59
C ALA A 121 -2.34 11.18 -17.46
N ILE A 122 -2.82 12.05 -16.57
CA ILE A 122 -4.22 12.34 -16.38
C ILE A 122 -4.37 13.77 -16.86
N LEU A 123 -5.26 13.99 -17.83
CA LEU A 123 -5.58 15.33 -18.30
C LEU A 123 -7.07 15.51 -18.02
N THR A 124 -7.41 16.50 -17.20
CA THR A 124 -8.80 16.71 -16.75
C THR A 124 -9.31 18.12 -16.70
N ASN A 125 -10.56 18.30 -17.14
CA ASN A 125 -11.34 19.51 -16.94
C ASN A 125 -11.90 19.37 -15.52
N THR A 126 -11.30 20.11 -14.59
CA THR A 126 -11.65 20.06 -13.17
C THR A 126 -11.78 21.44 -12.53
N TRP A 127 -12.12 21.49 -11.24
CA TRP A 127 -12.39 22.72 -10.53
C TRP A 127 -11.68 22.78 -9.18
N LEU A 128 -11.64 23.99 -8.62
CA LEU A 128 -11.12 24.27 -7.29
C LEU A 128 -12.29 23.98 -6.35
N ASP A 129 -12.23 22.84 -5.69
CA ASP A 129 -13.31 22.38 -4.81
C ASP A 129 -13.11 22.89 -3.38
N ASP A 130 -13.94 23.87 -2.99
CA ASP A 130 -13.91 24.45 -1.63
C ASP A 130 -15.16 24.10 -0.80
N ARG A 131 -15.89 23.04 -1.21
CA ARG A 131 -17.09 22.60 -0.47
C ARG A 131 -16.64 21.99 0.84
N ALA A 132 -17.53 21.98 1.85
CA ALA A 132 -17.24 21.37 3.14
C ALA A 132 -16.86 19.89 2.97
N GLU A 133 -17.44 19.23 1.94
CA GLU A 133 -17.26 17.82 1.62
C GLU A 133 -16.06 17.51 0.69
N ARG A 134 -15.24 18.54 0.35
CA ARG A 134 -14.09 18.43 -0.58
C ARG A 134 -13.10 17.29 -0.33
N ASP A 135 -12.95 16.83 0.93
CA ASP A 135 -12.02 15.77 1.26
C ASP A 135 -12.26 14.46 0.47
N GLY A 136 -13.51 14.18 0.09
CA GLY A 136 -13.85 12.99 -0.69
C GLY A 136 -13.10 12.95 -2.02
N LEU A 137 -13.20 14.03 -2.78
CA LEU A 137 -12.52 14.26 -4.06
C LEU A 137 -10.99 14.28 -3.85
N ALA A 138 -10.51 14.98 -2.78
CA ALA A 138 -9.08 15.06 -2.45
C ALA A 138 -8.49 13.64 -2.29
N GLN A 139 -9.22 12.74 -1.59
CA GLN A 139 -8.81 11.34 -1.41
C GLN A 139 -8.75 10.60 -2.74
N LEU A 140 -9.80 10.75 -3.56
CA LEU A 140 -9.91 10.11 -4.88
C LEU A 140 -8.70 10.55 -5.75
N MET A 141 -8.42 11.86 -5.79
CA MET A 141 -7.31 12.37 -6.61
C MET A 141 -5.97 11.83 -6.15
N CYS A 142 -5.76 11.75 -4.82
CA CYS A 142 -4.54 11.20 -4.22
C CYS A 142 -4.33 9.76 -4.56
N GLU A 143 -5.39 8.95 -4.44
CA GLU A 143 -5.31 7.53 -4.78
C GLU A 143 -4.98 7.31 -6.27
N LEU A 144 -5.60 8.10 -7.14
CA LEU A 144 -5.37 7.98 -8.58
C LEU A 144 -4.01 8.51 -9.03
N LYS A 145 -3.71 9.79 -8.70
CA LYS A 145 -2.51 10.51 -9.19
C LYS A 145 -1.16 9.87 -8.95
N MET A 146 -1.00 9.13 -7.83
CA MET A 146 0.23 8.43 -7.44
C MET A 146 0.71 7.43 -8.50
N HIS A 147 -0.22 6.86 -9.29
CA HIS A 147 0.07 5.85 -10.30
C HIS A 147 0.48 6.45 -11.67
N PHE A 148 0.51 7.78 -11.77
CA PHE A 148 0.78 8.46 -13.04
C PHE A 148 2.02 9.34 -12.99
N ASP A 149 2.64 9.57 -14.16
CA ASP A 149 3.80 10.46 -14.26
C ASP A 149 3.36 11.93 -14.14
N PHE A 150 2.20 12.26 -14.70
CA PHE A 150 1.68 13.63 -14.66
C PHE A 150 0.18 13.72 -14.45
N LEU A 151 -0.23 14.79 -13.80
CA LEU A 151 -1.61 15.18 -13.59
C LEU A 151 -1.72 16.62 -14.09
N ILE A 152 -2.52 16.82 -15.14
CA ILE A 152 -2.75 18.15 -15.69
C ILE A 152 -4.21 18.48 -15.43
N GLU A 153 -4.44 19.54 -14.65
CA GLU A 153 -5.77 19.98 -14.24
C GLU A 153 -6.04 21.32 -14.83
N SER A 154 -7.15 21.42 -15.57
CA SER A 154 -7.61 22.64 -16.24
C SER A 154 -7.59 23.87 -15.32
N CYS A 155 -8.07 23.72 -14.07
CA CYS A 155 -8.16 24.86 -13.14
C CYS A 155 -6.83 25.36 -12.60
N GLN A 156 -5.76 24.58 -12.80
CA GLN A 156 -4.39 24.94 -12.39
C GLN A 156 -3.59 25.55 -13.57
N VAL A 157 -3.94 25.19 -14.81
CA VAL A 157 -3.24 25.70 -16.01
C VAL A 157 -3.95 26.85 -16.73
N GLY A 158 -5.21 27.11 -16.34
CA GLY A 158 -6.03 28.17 -16.92
C GLY A 158 -6.48 27.93 -18.35
N MET A 159 -6.62 26.64 -18.73
CA MET A 159 -7.02 26.26 -20.06
C MET A 159 -7.95 25.08 -19.93
N VAL A 160 -8.82 24.86 -20.92
CA VAL A 160 -9.75 23.73 -20.83
C VAL A 160 -9.74 22.91 -22.12
N LYS A 161 -10.12 21.62 -22.04
CA LYS A 161 -10.38 20.87 -23.27
C LYS A 161 -11.75 21.44 -23.71
N PRO A 162 -12.04 21.70 -25.02
CA PRO A 162 -11.29 21.30 -26.22
C PRO A 162 -10.38 22.38 -26.82
N GLU A 163 -9.90 23.35 -26.02
CA GLU A 163 -9.01 24.43 -26.50
C GLU A 163 -7.69 23.86 -27.02
N PRO A 164 -7.29 24.22 -28.26
CA PRO A 164 -6.07 23.66 -28.83
C PRO A 164 -4.84 23.77 -27.94
N GLN A 165 -4.67 24.92 -27.22
CA GLN A 165 -3.52 25.19 -26.33
C GLN A 165 -3.26 24.13 -25.25
N ILE A 166 -4.33 23.55 -24.66
CA ILE A 166 -4.16 22.53 -23.61
C ILE A 166 -3.51 21.26 -24.16
N TYR A 167 -3.79 20.93 -25.44
CA TYR A 167 -3.20 19.75 -26.13
C TYR A 167 -1.72 19.99 -26.41
N LYS A 168 -1.34 21.24 -26.78
CA LYS A 168 0.06 21.61 -26.96
C LYS A 168 0.77 21.55 -25.59
N PHE A 169 0.06 22.01 -24.51
CA PHE A 169 0.63 21.98 -23.15
C PHE A 169 0.91 20.53 -22.75
N LEU A 170 -0.06 19.65 -23.03
CA LEU A 170 0.08 18.21 -22.76
C LEU A 170 1.33 17.66 -23.47
N LEU A 171 1.48 17.90 -24.79
CA LEU A 171 2.63 17.37 -25.56
C LEU A 171 3.98 17.86 -25.02
N ASP A 172 4.03 19.14 -24.60
CA ASP A 172 5.22 19.74 -24.00
C ASP A 172 5.56 19.04 -22.67
N THR A 173 4.53 18.78 -21.82
CA THR A 173 4.70 18.09 -20.53
C THR A 173 5.19 16.65 -20.77
N LEU A 174 4.60 15.94 -21.74
CA LEU A 174 5.00 14.57 -22.07
C LEU A 174 6.38 14.51 -22.75
N LYS A 175 6.81 15.61 -23.41
CA LYS A 175 8.05 15.66 -24.19
C LYS A 175 7.98 14.55 -25.25
N ALA A 176 6.82 14.49 -25.93
CA ALA A 176 6.50 13.46 -26.91
C ALA A 176 5.84 14.09 -28.14
N SER A 177 6.03 13.49 -29.31
CA SER A 177 5.39 14.02 -30.49
C SER A 177 3.97 13.40 -30.56
N PRO A 178 3.00 14.07 -31.21
CA PRO A 178 1.61 13.54 -31.23
C PRO A 178 1.42 12.08 -31.61
N SER A 179 2.12 11.56 -32.65
CA SER A 179 1.94 10.15 -33.06
C SER A 179 2.47 9.11 -32.03
N GLU A 180 3.13 9.57 -30.98
CA GLU A 180 3.66 8.71 -29.92
C GLU A 180 2.67 8.60 -28.74
N VAL A 181 1.55 9.34 -28.82
CA VAL A 181 0.57 9.43 -27.73
C VAL A 181 -0.75 8.77 -28.08
N VAL A 182 -1.33 8.08 -27.08
CA VAL A 182 -2.66 7.51 -27.16
C VAL A 182 -3.49 8.26 -26.12
N PHE A 183 -4.66 8.77 -26.52
CA PHE A 183 -5.44 9.64 -25.67
C PHE A 183 -6.85 9.10 -25.53
N LEU A 184 -7.29 8.85 -24.29
CA LEU A 184 -8.61 8.27 -23.98
C LEU A 184 -9.52 9.29 -23.33
N ASP A 185 -10.72 9.43 -23.87
CA ASP A 185 -11.71 10.39 -23.38
C ASP A 185 -13.12 9.85 -23.68
N ASP A 186 -14.07 10.13 -22.78
CA ASP A 186 -15.47 9.73 -22.95
C ASP A 186 -16.26 10.84 -23.70
N ILE A 187 -15.63 12.02 -23.88
CA ILE A 187 -16.24 13.15 -24.59
C ILE A 187 -15.62 13.28 -25.99
N GLY A 188 -16.44 12.99 -27.01
CA GLY A 188 -16.04 13.04 -28.42
C GLY A 188 -15.42 14.34 -28.87
N ALA A 189 -16.05 15.48 -28.51
CA ALA A 189 -15.57 16.82 -28.84
C ALA A 189 -14.16 17.09 -28.26
N ASN A 190 -13.84 16.44 -27.11
CA ASN A 190 -12.52 16.62 -26.48
C ASN A 190 -11.44 15.72 -27.11
N LEU A 191 -11.86 14.70 -27.87
CA LEU A 191 -10.96 13.82 -28.62
C LEU A 191 -10.47 14.49 -29.92
N LYS A 192 -11.35 15.25 -30.61
CA LYS A 192 -11.07 15.90 -31.89
C LYS A 192 -9.77 16.67 -31.94
N PRO A 193 -9.44 17.58 -30.99
CA PRO A 193 -8.15 18.28 -31.13
C PRO A 193 -6.95 17.36 -31.02
N ALA A 194 -7.04 16.26 -30.21
CA ALA A 194 -5.94 15.31 -30.05
C ALA A 194 -5.77 14.55 -31.38
N ARG A 195 -6.90 14.10 -32.01
CA ARG A 195 -6.87 13.43 -33.32
C ARG A 195 -6.30 14.37 -34.40
N ASP A 196 -6.69 15.66 -34.37
CA ASP A 196 -6.23 16.66 -35.35
C ASP A 196 -4.71 16.85 -35.28
N LEU A 197 -4.11 16.72 -34.08
CA LEU A 197 -2.65 16.85 -33.90
C LEU A 197 -1.93 15.58 -34.39
N GLY A 198 -2.66 14.48 -34.48
CA GLY A 198 -2.13 13.21 -34.95
C GLY A 198 -1.97 12.17 -33.84
N MET A 199 -2.63 12.37 -32.69
CA MET A 199 -2.52 11.39 -31.61
C MET A 199 -3.51 10.26 -31.89
N VAL A 200 -3.21 9.07 -31.36
CA VAL A 200 -4.16 7.94 -31.41
C VAL A 200 -5.22 8.30 -30.35
N THR A 201 -6.49 8.18 -30.69
CA THR A 201 -7.57 8.55 -29.78
C THR A 201 -8.54 7.40 -29.64
N ILE A 202 -9.09 7.26 -28.43
CA ILE A 202 -10.05 6.22 -28.08
C ILE A 202 -11.23 6.89 -27.40
N LEU A 203 -12.43 6.67 -27.92
CA LEU A 203 -13.67 7.17 -27.35
C LEU A 203 -14.15 6.12 -26.38
N VAL A 204 -14.10 6.46 -25.08
CA VAL A 204 -14.48 5.54 -24.01
C VAL A 204 -16.00 5.55 -23.79
N GLN A 205 -16.65 4.43 -24.04
CA GLN A 205 -18.06 4.27 -23.68
C GLN A 205 -17.95 3.21 -22.59
N ASP A 206 -17.95 1.92 -22.98
CA ASP A 206 -17.73 0.86 -22.02
C ASP A 206 -16.22 0.64 -21.97
N THR A 207 -15.73 0.39 -20.77
CA THR A 207 -14.33 0.14 -20.49
C THR A 207 -13.75 -1.01 -21.32
N ASP A 208 -14.44 -2.18 -21.37
CA ASP A 208 -13.93 -3.35 -22.10
C ASP A 208 -13.57 -3.04 -23.55
N THR A 209 -14.47 -2.37 -24.29
CA THR A 209 -14.19 -2.00 -25.70
C THR A 209 -13.03 -1.00 -25.79
N ALA A 210 -13.01 0.00 -24.90
CA ALA A 210 -11.91 0.99 -24.88
C ALA A 210 -10.57 0.30 -24.65
N LEU A 211 -10.52 -0.68 -23.72
CA LEU A 211 -9.30 -1.43 -23.43
C LEU A 211 -8.87 -2.35 -24.56
N LYS A 212 -9.84 -2.89 -25.31
CA LYS A 212 -9.61 -3.74 -26.48
C LYS A 212 -8.91 -2.90 -27.53
N GLU A 213 -9.41 -1.65 -27.76
CA GLU A 213 -8.78 -0.76 -28.75
C GLU A 213 -7.37 -0.37 -28.31
N LEU A 214 -7.19 -0.10 -27.01
CA LEU A 214 -5.91 0.28 -26.40
C LEU A 214 -4.87 -0.86 -26.48
N GLU A 215 -5.32 -2.10 -26.26
CA GLU A 215 -4.50 -3.31 -26.31
C GLU A 215 -4.03 -3.54 -27.77
N LYS A 216 -4.95 -3.42 -28.73
CA LYS A 216 -4.61 -3.59 -30.15
C LYS A 216 -3.56 -2.55 -30.62
N VAL A 217 -3.77 -1.28 -30.28
CA VAL A 217 -2.89 -0.20 -30.70
C VAL A 217 -1.50 -0.20 -30.04
N THR A 218 -1.42 -0.57 -28.74
CA THR A 218 -0.12 -0.60 -28.02
C THR A 218 0.64 -1.92 -28.24
N GLY A 219 -0.11 -2.98 -28.56
CA GLY A 219 0.45 -4.32 -28.69
C GLY A 219 0.79 -4.91 -27.32
N ILE A 220 0.24 -4.29 -26.24
CA ILE A 220 0.45 -4.74 -24.85
C ILE A 220 -0.85 -5.32 -24.34
N GLN A 221 -0.78 -6.52 -23.76
CA GLN A 221 -1.96 -7.18 -23.20
C GLN A 221 -2.44 -6.41 -21.94
N LEU A 222 -3.69 -5.98 -21.98
CA LEU A 222 -4.34 -5.22 -20.93
C LEU A 222 -5.60 -5.92 -20.43
N LEU A 223 -6.23 -6.74 -21.26
CA LEU A 223 -7.40 -7.50 -20.83
C LEU A 223 -6.97 -8.91 -20.52
N ASN A 224 -7.79 -9.61 -19.71
CA ASN A 224 -7.61 -11.03 -19.37
C ASN A 224 -6.23 -11.33 -18.78
N THR A 225 -5.60 -10.33 -18.16
CA THR A 225 -4.27 -10.48 -17.56
C THR A 225 -4.34 -11.28 -16.25
N PRO A 226 -3.21 -11.88 -15.76
CA PRO A 226 -3.22 -12.51 -14.44
C PRO A 226 -3.46 -11.42 -13.38
N ALA A 227 -4.01 -11.77 -12.20
CA ALA A 227 -4.27 -10.79 -11.15
C ALA A 227 -3.00 -9.96 -10.81
N PRO A 228 -3.06 -8.62 -10.83
CA PRO A 228 -1.85 -7.83 -10.52
C PRO A 228 -1.52 -7.88 -9.02
N LEU A 229 -0.27 -7.62 -8.67
CA LEU A 229 0.15 -7.57 -7.27
C LEU A 229 -0.30 -6.24 -6.68
N PRO A 230 -0.40 -6.09 -5.34
CA PRO A 230 -0.76 -4.77 -4.77
C PRO A 230 0.33 -3.77 -5.08
N THR A 231 0.05 -2.47 -4.93
CA THR A 231 1.04 -1.42 -5.13
C THR A 231 2.20 -1.61 -4.15
N SER A 232 3.43 -1.38 -4.60
CA SER A 232 4.63 -1.51 -3.77
C SER A 232 5.11 -0.11 -3.38
N CYS A 233 6.34 -0.01 -2.82
CA CYS A 233 6.91 1.26 -2.37
C CYS A 233 8.18 1.54 -3.10
N ASN A 234 8.40 2.80 -3.44
CA ASN A 234 9.69 3.27 -3.96
C ASN A 234 10.37 3.94 -2.75
N PRO A 235 11.49 3.38 -2.20
CA PRO A 235 12.12 4.01 -1.01
C PRO A 235 12.31 5.52 -1.04
N SER A 236 12.74 6.05 -2.20
CA SER A 236 12.99 7.48 -2.38
C SER A 236 11.73 8.36 -2.37
N ASP A 237 10.54 7.76 -2.53
CA ASP A 237 9.25 8.46 -2.50
C ASP A 237 8.54 8.43 -1.14
N MET A 238 9.14 7.78 -0.13
CA MET A 238 8.50 7.65 1.18
C MET A 238 8.94 8.76 2.15
N SER A 239 8.16 8.96 3.21
CA SER A 239 8.52 9.85 4.30
C SER A 239 9.30 8.96 5.23
N HIS A 240 10.55 9.36 5.53
CA HIS A 240 11.45 8.63 6.43
C HIS A 240 11.51 9.35 7.77
N GLY A 241 11.16 8.64 8.83
CA GLY A 241 11.13 9.18 10.18
C GLY A 241 12.23 8.60 11.05
N TYR A 242 12.71 9.39 12.02
CA TYR A 242 13.81 8.99 12.91
C TYR A 242 13.53 9.44 14.32
N VAL A 243 13.58 8.50 15.28
CA VAL A 243 13.32 8.78 16.70
C VAL A 243 14.51 8.25 17.51
N THR A 244 15.11 9.09 18.37
CA THR A 244 16.17 8.61 19.28
C THR A 244 15.47 8.12 20.53
N VAL A 245 15.57 6.83 20.83
CA VAL A 245 14.94 6.23 22.02
C VAL A 245 15.83 6.28 23.26
N LYS A 246 17.16 6.38 23.04
CA LYS A 246 18.19 6.47 24.08
C LYS A 246 19.50 6.95 23.42
N PRO A 247 20.48 7.54 24.18
CA PRO A 247 21.67 8.11 23.53
C PRO A 247 22.31 7.40 22.33
N ARG A 248 22.46 6.09 22.39
CA ARG A 248 23.09 5.38 21.27
C ARG A 248 22.11 4.67 20.33
N VAL A 249 20.79 4.86 20.54
CA VAL A 249 19.80 4.15 19.74
C VAL A 249 18.77 5.05 19.08
N ARG A 250 18.76 5.04 17.76
CA ARG A 250 17.79 5.74 16.94
C ARG A 250 17.00 4.69 16.14
N LEU A 251 15.68 4.89 16.02
CA LEU A 251 14.88 3.97 15.23
C LEU A 251 14.35 4.68 14.01
N HIS A 252 14.57 4.08 12.83
CA HIS A 252 14.12 4.58 11.55
C HIS A 252 12.79 3.89 11.17
N PHE A 253 11.89 4.65 10.54
CA PHE A 253 10.63 4.11 10.05
C PHE A 253 10.18 4.84 8.81
N VAL A 254 9.31 4.18 8.04
CA VAL A 254 8.71 4.78 6.88
C VAL A 254 7.25 5.01 7.30
N GLU A 255 6.68 6.14 6.90
CA GLU A 255 5.34 6.55 7.31
C GLU A 255 4.47 6.93 6.18
N LEU A 256 3.23 6.40 6.14
CA LEU A 256 2.28 6.70 5.08
C LEU A 256 0.85 6.59 5.60
N GLY A 257 0.02 7.54 5.21
CA GLY A 257 -1.41 7.55 5.53
C GLY A 257 -1.80 8.27 6.80
N SER A 258 -3.10 8.41 6.97
CA SER A 258 -3.73 9.01 8.15
C SER A 258 -4.71 8.02 8.72
N GLY A 259 -4.99 8.17 10.01
CA GLY A 259 -5.93 7.34 10.76
C GLY A 259 -5.25 6.69 11.95
N PRO A 260 -5.84 5.60 12.51
CA PRO A 260 -5.20 4.92 13.65
C PRO A 260 -3.82 4.41 13.27
N ALA A 261 -2.83 4.55 14.18
CA ALA A 261 -1.44 4.15 13.99
C ALA A 261 -1.32 2.62 13.92
N VAL A 262 -0.65 2.12 12.87
CA VAL A 262 -0.41 0.69 12.66
C VAL A 262 1.08 0.52 12.53
N CYS A 263 1.70 -0.12 13.52
CA CYS A 263 3.14 -0.28 13.59
C CYS A 263 3.52 -1.68 13.04
N LEU A 264 4.26 -1.72 11.91
CA LEU A 264 4.70 -2.95 11.23
C LEU A 264 6.11 -3.32 11.66
N CYS A 265 6.28 -4.54 12.17
CA CYS A 265 7.53 -5.04 12.77
C CYS A 265 8.05 -6.27 12.00
N HIS A 266 9.13 -6.08 11.23
CA HIS A 266 9.67 -7.17 10.40
C HIS A 266 10.42 -8.26 11.19
N GLY A 267 10.82 -9.29 10.47
CA GLY A 267 11.57 -10.39 11.06
C GLY A 267 13.03 -10.41 10.65
N PHE A 268 13.64 -11.56 10.80
CA PHE A 268 15.04 -11.75 10.45
C PHE A 268 15.17 -12.48 9.12
N PRO A 269 16.10 -12.03 8.24
CA PRO A 269 16.94 -10.82 8.30
C PRO A 269 16.31 -9.84 7.31
N GLU A 270 15.40 -9.01 7.80
CA GLU A 270 14.59 -8.19 6.92
C GLU A 270 14.76 -6.65 6.99
N SER A 271 13.69 -5.92 6.74
CA SER A 271 13.72 -4.48 6.60
C SER A 271 12.29 -3.97 6.63
N TRP A 272 12.13 -2.64 6.80
CA TRP A 272 10.82 -2.00 6.67
C TRP A 272 10.27 -2.38 5.28
N TYR A 273 11.18 -2.55 4.27
CA TYR A 273 10.87 -2.88 2.87
C TYR A 273 10.17 -4.21 2.69
N SER A 274 10.28 -5.11 3.68
CA SER A 274 9.53 -6.37 3.65
C SER A 274 8.02 -6.17 3.67
N TRP A 275 7.56 -4.96 4.09
CA TRP A 275 6.15 -4.59 4.16
C TRP A 275 5.70 -3.75 2.95
N ARG A 276 6.56 -3.61 1.92
CA ARG A 276 6.28 -2.80 0.71
C ARG A 276 4.90 -3.00 0.09
N TYR A 277 4.40 -4.25 0.04
CA TYR A 277 3.07 -4.53 -0.54
C TYR A 277 1.91 -4.21 0.43
N GLN A 278 2.19 -4.05 1.74
CA GLN A 278 1.18 -3.75 2.77
C GLN A 278 1.01 -2.24 3.01
N ILE A 279 2.12 -1.49 2.96
CA ILE A 279 2.15 -0.06 3.25
C ILE A 279 1.10 0.75 2.47
N PRO A 280 1.12 0.76 1.12
CA PRO A 280 0.13 1.53 0.37
C PRO A 280 -1.32 1.09 0.58
N ALA A 281 -1.55 -0.23 0.64
CA ALA A 281 -2.86 -0.84 0.85
C ALA A 281 -3.43 -0.46 2.23
N LEU A 282 -2.64 -0.60 3.32
CA LEU A 282 -3.13 -0.21 4.66
C LEU A 282 -3.40 1.29 4.77
N ALA A 283 -2.53 2.13 4.16
CA ALA A 283 -2.78 3.58 4.16
C ALA A 283 -4.05 3.90 3.39
N GLN A 284 -4.27 3.24 2.22
CA GLN A 284 -5.49 3.45 1.43
C GLN A 284 -6.73 3.03 2.21
N ALA A 285 -6.58 2.01 3.08
CA ALA A 285 -7.66 1.48 3.92
C ALA A 285 -8.03 2.40 5.13
N GLY A 286 -7.30 3.50 5.29
CA GLY A 286 -7.57 4.52 6.29
C GLY A 286 -6.76 4.39 7.57
N TYR A 287 -5.50 3.93 7.46
CA TYR A 287 -4.58 3.77 8.61
C TYR A 287 -3.29 4.58 8.40
N ARG A 288 -2.68 4.98 9.51
CA ARG A 288 -1.41 5.68 9.54
C ARG A 288 -0.36 4.60 9.79
N VAL A 289 0.33 4.23 8.72
CA VAL A 289 1.29 3.11 8.76
C VAL A 289 2.67 3.58 9.16
N LEU A 290 3.24 2.87 10.11
CA LEU A 290 4.60 3.07 10.62
C LEU A 290 5.36 1.76 10.40
N ALA A 291 6.11 1.67 9.31
CA ALA A 291 6.87 0.45 8.99
C ALA A 291 8.30 0.62 9.46
N MET A 292 8.62 -0.09 10.53
CA MET A 292 9.92 0.01 11.19
C MET A 292 11.08 -0.67 10.48
N ASP A 293 12.28 -0.12 10.73
CA ASP A 293 13.55 -0.80 10.58
C ASP A 293 13.75 -1.18 12.03
N MET A 294 13.63 -2.46 12.38
CA MET A 294 13.80 -2.90 13.77
C MET A 294 15.24 -2.64 14.20
N LYS A 295 15.48 -2.62 15.49
CA LYS A 295 16.82 -2.39 16.03
C LYS A 295 17.81 -3.42 15.44
N GLY A 296 18.93 -2.92 14.95
CA GLY A 296 20.01 -3.69 14.33
C GLY A 296 19.94 -3.70 12.81
N TYR A 297 18.90 -3.05 12.24
CA TYR A 297 18.64 -3.07 10.80
C TYR A 297 18.55 -1.72 10.09
N GLY A 298 18.97 -1.74 8.83
CA GLY A 298 18.86 -0.61 7.92
C GLY A 298 19.37 0.69 8.50
N GLU A 299 18.50 1.68 8.58
CA GLU A 299 18.87 3.01 9.12
C GLU A 299 18.71 3.14 10.63
N SER A 300 18.20 2.09 11.31
CA SER A 300 18.11 2.07 12.77
C SER A 300 19.50 1.74 13.30
N SER A 301 19.76 2.11 14.55
CA SER A 301 21.05 1.86 15.18
C SER A 301 21.27 0.36 15.38
N ALA A 302 22.53 -0.04 15.37
CA ALA A 302 22.90 -1.43 15.53
C ALA A 302 24.05 -1.58 16.57
N PRO A 303 23.79 -1.35 17.90
CA PRO A 303 24.85 -1.55 18.89
C PRO A 303 25.34 -3.00 18.92
N PRO A 304 26.63 -3.21 19.24
CA PRO A 304 27.19 -4.58 19.16
C PRO A 304 26.77 -5.57 20.24
N GLU A 305 26.43 -5.07 21.44
CA GLU A 305 26.12 -5.88 22.64
C GLU A 305 24.91 -6.77 22.46
N ILE A 306 25.05 -8.04 22.85
CA ILE A 306 23.97 -9.05 22.75
C ILE A 306 22.70 -8.61 23.48
N GLU A 307 22.87 -8.17 24.75
CA GLU A 307 21.79 -7.77 25.67
C GLU A 307 20.93 -6.60 25.19
N GLU A 308 21.42 -5.85 24.20
CA GLU A 308 20.69 -4.74 23.58
C GLU A 308 19.53 -5.28 22.74
N TYR A 309 19.52 -6.59 22.49
CA TYR A 309 18.52 -7.21 21.64
C TYR A 309 17.62 -8.19 22.37
N CYS A 310 17.57 -8.10 23.72
CA CYS A 310 16.65 -8.99 24.44
C CYS A 310 15.25 -8.37 24.31
N MET A 311 14.22 -9.20 24.40
CA MET A 311 12.82 -8.75 24.24
C MET A 311 12.42 -7.61 25.19
N GLU A 312 12.81 -7.69 26.47
CA GLU A 312 12.54 -6.64 27.47
C GLU A 312 13.06 -5.25 27.00
N VAL A 313 14.33 -5.21 26.53
CA VAL A 313 14.96 -3.96 26.04
C VAL A 313 14.24 -3.49 24.76
N LEU A 314 14.06 -4.39 23.77
CA LEU A 314 13.41 -4.05 22.50
C LEU A 314 11.99 -3.52 22.73
N CYS A 315 11.22 -4.17 23.64
CA CYS A 315 9.84 -3.73 23.93
C CYS A 315 9.80 -2.35 24.60
N LYS A 316 10.69 -2.11 25.59
CA LYS A 316 10.82 -0.83 26.30
C LYS A 316 11.12 0.27 25.28
N GLU A 317 12.02 0.00 24.32
CA GLU A 317 12.33 0.95 23.24
C GLU A 317 11.14 1.23 22.33
N MET A 318 10.33 0.21 22.03
CA MET A 318 9.12 0.39 21.20
C MET A 318 8.10 1.26 21.93
N VAL A 319 8.06 1.16 23.28
CA VAL A 319 7.17 2.01 24.10
C VAL A 319 7.69 3.46 24.04
N THR A 320 9.02 3.65 24.20
CA THR A 320 9.65 4.99 24.14
C THR A 320 9.38 5.61 22.76
N PHE A 321 9.49 4.77 21.70
CA PHE A 321 9.21 5.17 20.33
C PHE A 321 7.81 5.78 20.25
N LEU A 322 6.78 5.08 20.80
CA LEU A 322 5.41 5.64 20.84
C LEU A 322 5.38 6.97 21.64
N ASP A 323 5.98 6.97 22.85
CA ASP A 323 6.01 8.17 23.72
C ASP A 323 6.55 9.38 22.96
N LYS A 324 7.69 9.21 22.27
CA LYS A 324 8.32 10.31 21.56
C LYS A 324 7.56 10.80 20.36
N LEU A 325 6.80 9.92 19.72
CA LEU A 325 5.95 10.32 18.59
C LEU A 325 4.62 10.88 19.09
N GLY A 326 4.35 10.74 20.39
CA GLY A 326 3.11 11.24 21.01
C GLY A 326 1.91 10.36 20.68
N LEU A 327 2.14 9.04 20.63
CA LEU A 327 1.10 8.05 20.35
C LEU A 327 0.76 7.28 21.62
N SER A 328 -0.51 7.33 22.05
CA SER A 328 -0.94 6.56 23.25
C SER A 328 -0.98 5.06 22.94
N GLN A 329 -1.31 4.73 21.67
CA GLN A 329 -1.37 3.36 21.19
C GLN A 329 -0.98 3.27 19.71
N ALA A 330 -0.77 2.02 19.27
CA ALA A 330 -0.65 1.62 17.87
C ALA A 330 -1.08 0.19 17.80
N VAL A 331 -1.62 -0.21 16.64
CA VAL A 331 -1.87 -1.62 16.38
C VAL A 331 -0.45 -2.15 16.08
N PHE A 332 -0.05 -3.28 16.66
CA PHE A 332 1.26 -3.84 16.36
C PHE A 332 1.05 -5.07 15.49
N ILE A 333 1.65 -5.08 14.30
CA ILE A 333 1.60 -6.23 13.39
C ILE A 333 3.05 -6.70 13.20
N GLY A 334 3.31 -7.96 13.52
CA GLY A 334 4.66 -8.51 13.40
C GLY A 334 4.74 -9.77 12.56
N HIS A 335 5.95 -10.03 12.06
CA HIS A 335 6.25 -11.24 11.28
C HIS A 335 7.58 -11.82 11.80
N ASP A 336 7.66 -13.15 11.96
CA ASP A 336 8.88 -13.84 12.41
C ASP A 336 9.33 -13.24 13.78
N TRP A 337 10.61 -12.74 13.95
CA TRP A 337 11.06 -12.08 15.19
C TRP A 337 10.18 -10.89 15.58
N GLY A 338 9.63 -10.20 14.60
CA GLY A 338 8.68 -9.11 14.82
C GLY A 338 7.39 -9.62 15.43
N GLY A 339 6.95 -10.80 15.00
CA GLY A 339 5.75 -11.48 15.52
C GLY A 339 5.91 -11.82 16.99
N MET A 340 7.12 -12.31 17.37
CA MET A 340 7.45 -12.60 18.76
C MET A 340 7.36 -11.29 19.59
N LEU A 341 8.02 -10.22 19.12
CA LEU A 341 8.06 -8.94 19.81
C LEU A 341 6.62 -8.42 20.08
N VAL A 342 5.72 -8.46 19.06
CA VAL A 342 4.34 -7.96 19.23
C VAL A 342 3.55 -8.74 20.27
N TRP A 343 3.79 -10.07 20.40
CA TRP A 343 3.10 -10.85 21.45
C TRP A 343 3.55 -10.36 22.82
N TYR A 344 4.86 -10.12 22.97
CA TYR A 344 5.41 -9.61 24.23
C TYR A 344 4.91 -8.19 24.48
N MET A 345 4.72 -7.38 23.43
CA MET A 345 4.16 -6.01 23.57
C MET A 345 2.74 -6.12 24.15
N ALA A 346 1.94 -7.06 23.61
CA ALA A 346 0.57 -7.31 24.09
C ALA A 346 0.57 -7.80 25.56
N LEU A 347 1.52 -8.68 25.94
CA LEU A 347 1.58 -9.21 27.31
C LEU A 347 2.05 -8.22 28.37
N PHE A 348 3.02 -7.36 28.02
CA PHE A 348 3.65 -6.44 28.98
C PHE A 348 3.16 -5.02 28.94
N TYR A 349 2.65 -4.57 27.78
CA TYR A 349 2.22 -3.18 27.63
C TYR A 349 0.84 -3.16 26.93
N PRO A 350 -0.20 -3.87 27.45
CA PRO A 350 -1.49 -3.90 26.73
C PRO A 350 -2.15 -2.54 26.52
N GLU A 351 -1.86 -1.57 27.42
CA GLU A 351 -2.41 -0.20 27.35
C GLU A 351 -1.98 0.54 26.10
N ARG A 352 -0.80 0.18 25.57
CA ARG A 352 -0.15 0.82 24.43
C ARG A 352 -0.43 0.08 23.13
N VAL A 353 -1.07 -1.08 23.22
CA VAL A 353 -1.35 -1.92 22.06
C VAL A 353 -2.85 -1.92 21.78
N ARG A 354 -3.24 -1.29 20.68
CA ARG A 354 -4.64 -1.18 20.28
C ARG A 354 -5.19 -2.54 19.93
N ALA A 355 -4.36 -3.33 19.24
CA ALA A 355 -4.64 -4.68 18.78
C ALA A 355 -3.32 -5.26 18.33
N VAL A 356 -3.22 -6.59 18.31
CA VAL A 356 -1.98 -7.30 17.97
C VAL A 356 -2.21 -8.34 16.89
N ALA A 357 -1.32 -8.41 15.90
CA ALA A 357 -1.40 -9.42 14.87
C ALA A 357 -0.02 -9.99 14.58
N SER A 358 0.03 -11.29 14.36
CA SER A 358 1.27 -11.93 13.97
C SER A 358 1.08 -12.78 12.72
N LEU A 359 2.04 -12.70 11.82
CA LEU A 359 2.15 -13.56 10.66
C LEU A 359 3.18 -14.64 10.98
N ASN A 360 2.75 -15.92 10.93
CA ASN A 360 3.56 -17.15 11.10
C ASN A 360 4.01 -17.48 12.51
N THR A 361 4.48 -16.47 13.28
CA THR A 361 5.02 -16.68 14.62
C THR A 361 3.91 -16.92 15.61
N PRO A 362 3.85 -18.12 16.22
CA PRO A 362 2.80 -18.35 17.21
C PRO A 362 3.19 -17.77 18.57
N PHE A 363 2.21 -17.69 19.45
CA PHE A 363 2.48 -17.30 20.82
C PHE A 363 2.67 -18.63 21.56
N ILE A 364 3.84 -18.85 22.13
CA ILE A 364 4.12 -20.06 22.90
C ILE A 364 4.59 -19.60 24.27
N PRO A 365 3.88 -19.94 25.36
CA PRO A 365 4.34 -19.54 26.69
C PRO A 365 5.71 -20.15 27.00
N ALA A 366 6.49 -19.48 27.86
CA ALA A 366 7.77 -20.04 28.29
C ALA A 366 7.46 -21.25 29.16
N ASN A 367 8.31 -22.28 29.08
CA ASN A 367 8.17 -23.47 29.91
C ASN A 367 9.11 -23.25 31.12
N PRO A 368 8.57 -23.03 32.34
CA PRO A 368 9.46 -22.80 33.49
C PRO A 368 10.26 -24.02 33.97
N ASN A 369 9.89 -25.23 33.50
CA ASN A 369 10.51 -26.50 33.90
C ASN A 369 11.58 -26.99 32.92
N MET A 370 11.94 -26.18 31.92
CA MET A 370 12.89 -26.56 30.89
C MET A 370 13.66 -25.33 30.43
N SER A 371 15.00 -25.46 30.27
CA SER A 371 15.84 -24.36 29.78
C SER A 371 15.47 -24.10 28.30
N PRO A 372 15.46 -22.84 27.82
CA PRO A 372 15.10 -22.60 26.39
C PRO A 372 16.04 -23.30 25.40
N LEU A 373 17.34 -23.49 25.78
CA LEU A 373 18.31 -24.22 24.96
C LEU A 373 17.81 -25.65 24.72
N GLU A 374 17.36 -26.36 25.79
CA GLU A 374 16.79 -27.71 25.72
C GLU A 374 15.55 -27.72 24.82
N SER A 375 14.66 -26.71 24.98
CA SER A 375 13.43 -26.59 24.18
C SER A 375 13.74 -26.47 22.69
N ILE A 376 14.73 -25.62 22.34
CA ILE A 376 15.17 -25.39 20.96
C ILE A 376 15.79 -26.67 20.36
N LYS A 377 16.52 -27.44 21.19
CA LYS A 377 17.14 -28.71 20.81
C LYS A 377 16.12 -29.83 20.52
N ALA A 378 14.90 -29.75 21.10
CA ALA A 378 13.83 -30.76 20.94
C ALA A 378 13.27 -30.83 19.52
N ASN A 379 13.15 -29.68 18.83
CA ASN A 379 12.62 -29.63 17.47
C ASN A 379 13.78 -29.48 16.47
N PRO A 380 13.98 -30.49 15.57
CA PRO A 380 15.09 -30.41 14.60
C PRO A 380 15.07 -29.22 13.65
N VAL A 381 13.87 -28.69 13.32
CA VAL A 381 13.74 -27.56 12.39
C VAL A 381 14.37 -26.26 12.94
N PHE A 382 14.57 -26.20 14.28
CA PHE A 382 15.17 -25.04 14.95
C PHE A 382 16.69 -25.14 15.10
N ASP A 383 17.32 -26.16 14.48
CA ASP A 383 18.79 -26.33 14.56
C ASP A 383 19.56 -25.09 14.12
N TYR A 384 19.07 -24.36 13.08
CA TYR A 384 19.71 -23.12 12.63
C TYR A 384 19.87 -22.12 13.80
N GLN A 385 18.92 -22.16 14.77
CA GLN A 385 19.00 -21.25 15.92
C GLN A 385 20.20 -21.55 16.78
N LEU A 386 20.64 -22.81 16.86
CA LEU A 386 21.84 -23.18 17.60
C LEU A 386 23.08 -22.72 16.83
N TYR A 387 23.04 -22.80 15.48
CA TYR A 387 24.10 -22.33 14.58
C TYR A 387 24.35 -20.81 14.80
N PHE A 388 23.28 -20.10 15.08
CA PHE A 388 23.27 -18.66 15.34
C PHE A 388 23.83 -18.24 16.67
N GLN A 389 24.02 -19.15 17.63
CA GLN A 389 24.47 -18.80 18.98
C GLN A 389 25.89 -18.23 19.09
N GLU A 390 26.85 -18.89 18.45
CA GLU A 390 28.27 -18.52 18.55
C GLU A 390 28.57 -17.21 17.86
N PRO A 391 28.87 -16.14 18.64
CA PRO A 391 29.14 -14.84 18.02
C PRO A 391 30.23 -14.92 16.93
N GLY A 392 29.92 -14.41 15.74
CA GLY A 392 30.86 -14.36 14.63
C GLY A 392 30.68 -15.38 13.55
N VAL A 393 30.29 -16.62 13.91
CA VAL A 393 30.11 -17.74 12.96
C VAL A 393 29.10 -17.45 11.86
N ALA A 394 27.81 -17.25 12.21
CA ALA A 394 26.78 -16.95 11.23
C ALA A 394 27.02 -15.60 10.56
N GLU A 395 27.59 -14.58 11.29
CA GLU A 395 27.90 -13.25 10.68
C GLU A 395 28.80 -13.44 9.44
N ALA A 396 29.91 -14.20 9.60
CA ALA A 396 30.89 -14.49 8.53
C ALA A 396 30.23 -15.11 7.31
N GLU A 397 29.39 -16.13 7.52
CA GLU A 397 28.73 -16.78 6.41
C GLU A 397 27.69 -15.89 5.70
N LEU A 398 26.85 -15.20 6.49
CA LEU A 398 25.79 -14.35 5.94
C LEU A 398 26.32 -13.08 5.28
N GLU A 399 27.43 -12.52 5.79
CA GLU A 399 28.03 -11.29 5.24
C GLU A 399 28.97 -11.54 4.04
N GLN A 400 29.40 -12.78 3.83
CA GLN A 400 30.34 -13.15 2.75
C GLN A 400 29.96 -12.66 1.36
N ASN A 401 28.70 -12.91 0.96
CA ASN A 401 28.15 -12.54 -0.32
C ASN A 401 26.67 -12.22 -0.07
N LEU A 402 26.37 -10.93 0.13
CA LEU A 402 25.01 -10.46 0.45
C LEU A 402 23.95 -10.81 -0.57
N SER A 403 24.27 -10.64 -1.88
CA SER A 403 23.37 -11.01 -2.97
C SER A 403 23.01 -12.51 -2.85
N ARG A 404 24.02 -13.37 -2.59
CA ARG A 404 23.84 -14.82 -2.44
C ARG A 404 22.99 -15.10 -1.20
N THR A 405 23.27 -14.39 -0.09
CA THR A 405 22.49 -14.57 1.17
C THR A 405 20.97 -14.36 0.90
N PHE A 406 20.60 -13.20 0.35
CA PHE A 406 19.20 -12.85 0.08
C PHE A 406 18.53 -13.71 -0.98
N LYS A 407 19.23 -14.05 -2.05
CA LYS A 407 18.66 -14.92 -3.11
C LYS A 407 18.43 -16.36 -2.63
N SER A 408 19.25 -16.83 -1.72
CA SER A 408 19.12 -18.17 -1.12
C SER A 408 18.01 -18.19 -0.09
N LEU A 409 17.83 -17.08 0.65
CA LEU A 409 16.82 -17.04 1.72
C LEU A 409 15.42 -16.73 1.20
N PHE A 410 15.29 -15.66 0.38
CA PHE A 410 14.01 -15.17 -0.11
C PHE A 410 13.51 -15.99 -1.28
N ARG A 411 12.89 -17.15 -0.97
CA ARG A 411 12.37 -18.09 -1.97
C ARG A 411 11.02 -18.61 -1.50
N ALA A 412 10.11 -18.85 -2.45
CA ALA A 412 8.77 -19.40 -2.18
C ALA A 412 8.95 -20.91 -1.87
N SER A 413 7.92 -21.52 -1.23
CA SER A 413 7.97 -22.92 -0.76
C SER A 413 8.28 -24.00 -1.80
N ASP A 414 8.02 -23.70 -3.09
CA ASP A 414 8.25 -24.58 -4.22
C ASP A 414 9.49 -24.15 -5.05
N GLU A 415 10.41 -23.37 -4.44
CA GLU A 415 11.62 -22.91 -5.14
C GLU A 415 12.90 -23.45 -4.51
N SER A 416 12.97 -24.77 -4.30
CA SER A 416 14.13 -25.47 -3.72
C SER A 416 14.67 -24.77 -2.46
N VAL A 417 13.80 -24.57 -1.46
CA VAL A 417 14.18 -23.91 -0.20
C VAL A 417 15.27 -24.69 0.54
N LEU A 418 16.15 -23.96 1.25
CA LEU A 418 17.24 -24.52 2.05
C LEU A 418 16.69 -25.56 3.02
N SER A 419 17.41 -26.68 3.21
CA SER A 419 17.00 -27.69 4.19
C SER A 419 17.48 -27.17 5.54
N MET A 420 16.58 -27.08 6.51
CA MET A 420 16.94 -26.56 7.83
C MET A 420 17.50 -27.67 8.73
N HIS A 421 17.47 -28.92 8.26
CA HIS A 421 17.97 -30.09 8.98
C HIS A 421 19.49 -30.10 9.08
N LYS A 422 19.98 -30.28 10.31
CA LYS A 422 21.39 -30.40 10.66
C LYS A 422 22.31 -29.29 10.10
N VAL A 423 21.93 -28.01 10.34
CA VAL A 423 22.71 -26.82 9.93
C VAL A 423 24.07 -26.83 10.64
N CYS A 424 24.08 -27.05 11.98
CA CYS A 424 25.29 -27.08 12.81
C CYS A 424 26.31 -28.11 12.32
N GLU A 425 25.84 -29.37 12.12
CA GLU A 425 26.62 -30.52 11.66
C GLU A 425 27.20 -30.25 10.26
N ALA A 426 26.40 -29.60 9.39
CA ALA A 426 26.79 -29.26 8.02
C ALA A 426 27.84 -28.15 7.91
N GLY A 427 27.99 -27.35 8.97
CA GLY A 427 28.93 -26.23 9.01
C GLY A 427 28.42 -24.90 8.47
N GLY A 428 27.11 -24.77 8.28
CA GLY A 428 26.52 -23.53 7.78
C GLY A 428 25.22 -23.72 7.03
N LEU A 429 24.51 -22.62 6.81
CA LEU A 429 23.21 -22.61 6.11
C LEU A 429 23.34 -22.82 4.61
N PHE A 430 24.45 -22.35 4.02
CA PHE A 430 24.65 -22.35 2.57
C PHE A 430 25.65 -23.38 2.03
N VAL A 431 26.07 -24.37 2.86
CA VAL A 431 27.04 -25.41 2.46
C VAL A 431 26.57 -26.31 1.30
N ASN A 432 25.24 -26.41 1.07
CA ASN A 432 24.66 -27.21 -0.02
C ASN A 432 23.95 -26.30 -1.05
N SER A 433 24.27 -25.00 -1.01
CA SER A 433 23.65 -23.98 -1.87
C SER A 433 24.62 -23.43 -2.93
N PRO A 434 24.11 -22.98 -4.10
CA PRO A 434 25.03 -22.47 -5.13
C PRO A 434 25.63 -21.11 -4.80
N GLU A 435 26.76 -20.79 -5.47
CA GLU A 435 27.43 -19.50 -5.32
C GLU A 435 26.53 -18.42 -5.89
N GLU A 436 25.87 -18.71 -7.02
CA GLU A 436 24.99 -17.79 -7.73
C GLU A 436 23.59 -18.38 -7.79
N PRO A 437 22.78 -18.22 -6.72
CA PRO A 437 21.39 -18.77 -6.76
C PRO A 437 20.53 -18.09 -7.81
N SER A 438 19.51 -18.82 -8.31
CA SER A 438 18.54 -18.25 -9.24
C SER A 438 17.69 -17.25 -8.45
N LEU A 439 17.05 -16.32 -9.16
CA LEU A 439 16.21 -15.30 -8.54
C LEU A 439 14.81 -15.86 -8.33
N SER A 440 14.28 -15.77 -7.11
CA SER A 440 12.92 -16.17 -6.79
C SER A 440 11.92 -15.34 -7.60
N ARG A 441 10.76 -15.93 -7.96
CA ARG A 441 9.67 -15.23 -8.63
C ARG A 441 9.09 -14.10 -7.71
N MET A 442 9.37 -14.16 -6.39
CA MET A 442 8.83 -13.19 -5.43
C MET A 442 9.48 -11.82 -5.49
N VAL A 443 10.73 -11.77 -5.97
CA VAL A 443 11.55 -10.56 -6.00
C VAL A 443 12.20 -10.31 -7.35
N THR A 444 12.50 -9.04 -7.64
CA THR A 444 13.27 -8.64 -8.81
C THR A 444 14.74 -8.52 -8.33
N GLU A 445 15.68 -8.45 -9.27
CA GLU A 445 17.10 -8.22 -8.97
C GLU A 445 17.29 -6.92 -8.17
N GLU A 446 16.54 -5.87 -8.51
CA GLU A 446 16.63 -4.54 -7.85
C GLU A 446 16.17 -4.58 -6.39
N GLU A 447 15.16 -5.40 -6.08
CA GLU A 447 14.69 -5.59 -4.71
C GLU A 447 15.76 -6.31 -3.89
N ILE A 448 16.43 -7.34 -4.47
CA ILE A 448 17.53 -8.04 -3.80
C ILE A 448 18.65 -7.04 -3.48
N GLN A 449 19.02 -6.17 -4.45
CA GLN A 449 20.08 -5.19 -4.25
C GLN A 449 19.71 -4.13 -3.20
N PHE A 450 18.40 -3.86 -3.02
CA PHE A 450 17.98 -2.94 -1.95
C PHE A 450 18.40 -3.57 -0.60
N TYR A 451 18.07 -4.88 -0.38
CA TYR A 451 18.47 -5.60 0.84
C TYR A 451 19.99 -5.64 1.01
N VAL A 452 20.74 -5.87 -0.09
CA VAL A 452 22.21 -5.87 -0.09
C VAL A 452 22.72 -4.49 0.44
N GLN A 453 22.18 -3.38 -0.10
CA GLN A 453 22.59 -2.04 0.33
C GLN A 453 22.25 -1.76 1.79
N GLN A 454 21.10 -2.24 2.25
CA GLN A 454 20.69 -2.03 3.64
C GLN A 454 21.62 -2.74 4.61
N PHE A 455 22.01 -3.97 4.27
CA PHE A 455 22.87 -4.79 5.11
C PHE A 455 24.37 -4.44 5.06
N LYS A 456 24.78 -3.58 4.12
CA LYS A 456 26.18 -3.14 4.06
C LYS A 456 26.47 -2.17 5.19
N LYS A 457 25.43 -1.50 5.71
CA LYS A 457 25.62 -0.54 6.80
C LYS A 457 26.09 -1.22 8.10
N SER A 458 25.28 -2.15 8.64
CA SER A 458 25.59 -2.78 9.92
C SER A 458 25.86 -4.27 9.87
N GLY A 459 25.55 -4.94 8.76
CA GLY A 459 25.75 -6.38 8.68
C GLY A 459 24.77 -7.16 9.56
N PHE A 460 25.19 -8.36 9.96
CA PHE A 460 24.36 -9.34 10.66
C PHE A 460 24.54 -9.48 12.17
N ARG A 461 25.46 -8.73 12.81
CA ARG A 461 25.65 -8.83 14.26
C ARG A 461 24.37 -8.50 15.06
N GLY A 462 23.84 -7.28 14.90
CA GLY A 462 22.62 -6.82 15.55
C GLY A 462 21.48 -7.77 15.22
N PRO A 463 21.21 -8.04 13.92
CA PRO A 463 20.12 -8.98 13.58
C PRO A 463 20.24 -10.35 14.25
N LEU A 464 21.45 -10.98 14.24
CA LEU A 464 21.71 -12.28 14.88
C LEU A 464 21.59 -12.23 16.40
N ASN A 465 21.93 -11.09 17.04
CA ASN A 465 21.79 -10.92 18.50
C ASN A 465 20.36 -11.12 18.99
N TRP A 466 19.34 -10.93 18.10
CA TRP A 466 17.95 -11.21 18.45
C TRP A 466 17.78 -12.68 18.93
N TYR A 467 18.61 -13.62 18.40
CA TYR A 467 18.56 -15.05 18.74
C TYR A 467 19.42 -15.43 19.93
N ARG A 468 20.22 -14.47 20.43
CA ARG A 468 21.23 -14.70 21.46
C ARG A 468 20.82 -14.29 22.88
N ASN A 469 19.49 -14.21 23.10
CA ASN A 469 18.99 -13.82 24.40
C ASN A 469 17.97 -14.82 24.91
N MET A 470 18.13 -16.11 24.56
CA MET A 470 17.16 -17.16 24.95
C MET A 470 16.87 -17.20 26.45
N GLU A 471 17.94 -17.24 27.28
CA GLU A 471 17.83 -17.32 28.73
C GLU A 471 17.18 -16.06 29.31
N ARG A 472 17.67 -14.86 28.88
CA ARG A 472 17.13 -13.58 29.34
C ARG A 472 15.65 -13.43 29.00
N ASN A 473 15.27 -13.75 27.73
CA ASN A 473 13.87 -13.68 27.28
C ASN A 473 12.97 -14.67 28.02
N TRP A 474 13.47 -15.89 28.29
CA TRP A 474 12.76 -16.94 29.03
C TRP A 474 12.46 -16.46 30.46
N LYS A 475 13.43 -15.87 31.15
CA LYS A 475 13.22 -15.37 32.53
C LYS A 475 12.15 -14.29 32.54
N TRP A 476 12.25 -13.33 31.59
CA TRP A 476 11.28 -12.24 31.48
C TRP A 476 9.88 -12.79 31.12
N ALA A 477 9.78 -13.74 30.16
CA ALA A 477 8.50 -14.36 29.77
C ALA A 477 7.85 -15.13 30.93
N CYS A 478 8.67 -15.79 31.78
CA CYS A 478 8.15 -16.53 32.94
C CYS A 478 7.31 -15.62 33.89
N LYS A 479 7.64 -14.30 33.93
CA LYS A 479 6.92 -13.30 34.74
C LYS A 479 5.48 -13.10 34.27
N SER A 480 5.19 -13.44 33.01
CA SER A 480 3.90 -13.29 32.36
C SER A 480 3.03 -14.57 32.36
N LEU A 481 3.52 -15.65 32.98
CA LEU A 481 2.84 -16.96 32.97
C LEU A 481 1.42 -17.02 33.54
N GLY A 482 1.08 -16.09 34.43
CA GLY A 482 -0.25 -16.04 35.02
C GLY A 482 -1.20 -15.20 34.20
N ARG A 483 -0.68 -14.55 33.14
CA ARG A 483 -1.49 -13.66 32.30
C ARG A 483 -2.17 -14.36 31.12
N LYS A 484 -3.12 -13.65 30.52
CA LYS A 484 -3.74 -14.05 29.27
C LYS A 484 -3.72 -12.80 28.39
N ILE A 485 -3.73 -12.97 27.06
CA ILE A 485 -3.83 -11.83 26.14
C ILE A 485 -5.33 -11.69 25.88
N LEU A 486 -5.90 -10.56 26.30
CA LEU A 486 -7.33 -10.28 26.23
C LEU A 486 -7.70 -9.08 25.35
N ILE A 487 -6.68 -8.45 24.76
CA ILE A 487 -6.87 -7.36 23.80
C ILE A 487 -7.13 -7.99 22.39
N PRO A 488 -7.68 -7.27 21.37
CA PRO A 488 -7.92 -7.90 20.05
C PRO A 488 -6.63 -8.47 19.46
N ALA A 489 -6.67 -9.73 19.05
CA ALA A 489 -5.50 -10.47 18.55
C ALA A 489 -5.85 -11.30 17.34
N LEU A 490 -4.90 -11.37 16.40
CA LEU A 490 -5.01 -12.14 15.16
C LEU A 490 -3.73 -12.95 14.94
N MET A 491 -3.90 -14.26 14.65
CA MET A 491 -2.79 -15.15 14.33
C MET A 491 -2.99 -15.57 12.87
N VAL A 492 -1.98 -15.31 11.99
CA VAL A 492 -2.07 -15.74 10.58
C VAL A 492 -1.05 -16.83 10.33
N THR A 493 -1.53 -18.03 9.99
CA THR A 493 -0.64 -19.16 9.71
C THR A 493 -0.41 -19.26 8.20
N ALA A 494 0.76 -19.78 7.79
CA ALA A 494 1.15 -19.96 6.39
C ALA A 494 1.34 -21.45 6.20
N GLU A 495 0.54 -22.07 5.32
CA GLU A 495 0.55 -23.52 5.07
C GLU A 495 1.93 -24.15 4.88
N LYS A 496 2.77 -23.50 4.08
CA LYS A 496 4.09 -24.02 3.71
C LYS A 496 5.30 -23.39 4.41
N ASP A 497 5.08 -22.79 5.59
CA ASP A 497 6.22 -22.33 6.35
C ASP A 497 6.69 -23.59 7.10
N PHE A 498 7.83 -24.15 6.66
CA PHE A 498 8.38 -25.41 7.17
C PHE A 498 9.07 -25.34 8.53
N VAL A 499 9.19 -24.15 9.12
CA VAL A 499 9.81 -23.97 10.42
C VAL A 499 8.70 -23.52 11.38
N LEU A 500 8.01 -22.40 11.03
CA LEU A 500 6.89 -21.87 11.81
C LEU A 500 5.62 -22.49 11.26
N VAL A 501 5.50 -23.80 11.45
CA VAL A 501 4.40 -24.61 10.93
C VAL A 501 3.05 -24.19 11.54
N PRO A 502 1.93 -24.23 10.80
CA PRO A 502 0.63 -23.84 11.39
C PRO A 502 0.25 -24.56 12.70
N GLN A 503 0.63 -25.84 12.82
CA GLN A 503 0.36 -26.73 13.96
C GLN A 503 0.98 -26.21 15.27
N MET A 504 2.09 -25.45 15.18
CA MET A 504 2.76 -24.82 16.33
C MET A 504 1.84 -23.81 17.03
N SER A 505 0.85 -23.25 16.31
CA SER A 505 -0.10 -22.26 16.84
C SER A 505 -1.33 -22.91 17.51
N GLN A 506 -1.45 -24.26 17.44
CA GLN A 506 -2.63 -25.01 17.93
C GLN A 506 -3.19 -24.75 19.35
N HIS A 507 -2.32 -24.46 20.34
CA HIS A 507 -2.78 -24.24 21.72
C HIS A 507 -2.94 -22.78 22.13
N MET A 508 -2.85 -21.84 21.17
CA MET A 508 -2.90 -20.39 21.44
C MET A 508 -4.15 -19.90 22.13
N GLU A 509 -5.30 -20.56 21.89
CA GLU A 509 -6.58 -20.17 22.49
C GLU A 509 -6.60 -20.31 24.02
N ASP A 510 -5.77 -21.22 24.57
CA ASP A 510 -5.63 -21.36 26.01
C ASP A 510 -5.15 -20.03 26.66
N TRP A 511 -4.32 -19.26 25.93
CA TRP A 511 -3.72 -17.99 26.37
C TRP A 511 -4.37 -16.75 25.79
N ILE A 512 -5.02 -16.91 24.62
CA ILE A 512 -5.62 -15.77 23.90
C ILE A 512 -7.02 -16.25 23.54
N PRO A 513 -7.96 -16.33 24.51
CA PRO A 513 -9.29 -16.93 24.23
C PRO A 513 -10.12 -16.35 23.09
N HIS A 514 -10.02 -15.06 22.87
CA HIS A 514 -10.79 -14.36 21.82
C HIS A 514 -10.00 -14.24 20.50
N LEU A 515 -8.88 -14.96 20.39
CA LEU A 515 -8.05 -14.95 19.18
C LEU A 515 -8.86 -15.20 17.89
N LYS A 516 -8.59 -14.38 16.87
CA LYS A 516 -9.11 -14.49 15.52
C LYS A 516 -7.98 -15.07 14.70
N ARG A 517 -8.33 -15.80 13.63
CA ARG A 517 -7.33 -16.43 12.80
C ARG A 517 -7.49 -16.13 11.33
N GLY A 518 -6.35 -16.20 10.65
CA GLY A 518 -6.23 -16.13 9.21
C GLY A 518 -5.34 -17.28 8.84
N HIS A 519 -5.48 -17.81 7.62
CA HIS A 519 -4.65 -18.92 7.13
C HIS A 519 -4.46 -18.75 5.64
N ILE A 520 -3.19 -18.82 5.21
CA ILE A 520 -2.81 -18.63 3.81
C ILE A 520 -2.24 -19.92 3.21
N GLU A 521 -2.98 -20.49 2.25
CA GLU A 521 -2.55 -21.71 1.59
C GLU A 521 -1.43 -21.40 0.60
N ASP A 522 -0.54 -22.39 0.36
CA ASP A 522 0.58 -22.29 -0.59
C ASP A 522 1.50 -21.10 -0.30
N CYS A 523 1.67 -20.81 1.00
CA CYS A 523 2.45 -19.67 1.46
C CYS A 523 3.60 -20.15 2.30
N GLY A 524 4.79 -19.66 1.97
CA GLY A 524 6.01 -20.03 2.68
C GLY A 524 6.29 -19.05 3.81
N HIS A 525 7.55 -19.01 4.23
CA HIS A 525 7.96 -18.12 5.32
C HIS A 525 7.81 -16.61 5.04
N TRP A 526 8.02 -16.18 3.79
CA TRP A 526 8.06 -14.74 3.47
C TRP A 526 6.69 -14.24 3.06
N THR A 527 5.75 -14.39 4.00
CA THR A 527 4.31 -14.14 3.86
C THR A 527 3.95 -12.89 3.08
N GLN A 528 4.51 -11.74 3.49
CA GLN A 528 4.19 -10.44 2.89
C GLN A 528 4.41 -10.35 1.40
N MET A 529 5.48 -10.96 0.87
CA MET A 529 5.80 -10.91 -0.57
C MET A 529 5.37 -12.16 -1.34
N ASP A 530 5.13 -13.26 -0.60
CA ASP A 530 4.67 -14.53 -1.18
C ASP A 530 3.21 -14.39 -1.57
N LYS A 531 2.36 -13.97 -0.62
CA LYS A 531 0.95 -13.79 -0.86
C LYS A 531 0.49 -12.39 -0.40
N PRO A 532 0.99 -11.31 -1.06
CA PRO A 532 0.66 -9.94 -0.62
C PRO A 532 -0.82 -9.58 -0.65
N THR A 533 -1.53 -9.95 -1.71
CA THR A 533 -2.97 -9.66 -1.85
C THR A 533 -3.76 -10.33 -0.71
N GLU A 534 -3.46 -11.60 -0.41
CA GLU A 534 -4.15 -12.40 0.62
C GLU A 534 -3.83 -11.81 2.01
N VAL A 535 -2.55 -11.47 2.26
CA VAL A 535 -2.10 -10.81 3.51
C VAL A 535 -2.92 -9.54 3.67
N ASN A 536 -2.98 -8.71 2.62
CA ASN A 536 -3.72 -7.45 2.67
C ASN A 536 -5.18 -7.62 3.03
N GLN A 537 -5.87 -8.57 2.36
CA GLN A 537 -7.29 -8.79 2.63
C GLN A 537 -7.54 -9.19 4.09
N ILE A 538 -6.74 -10.14 4.60
CA ILE A 538 -6.83 -10.62 5.98
C ILE A 538 -6.59 -9.45 6.98
N LEU A 539 -5.50 -8.69 6.75
CA LEU A 539 -5.15 -7.59 7.65
C LEU A 539 -6.15 -6.48 7.65
N ILE A 540 -6.65 -6.06 6.46
CA ILE A 540 -7.63 -4.98 6.38
C ILE A 540 -8.97 -5.38 6.97
N LYS A 541 -9.46 -6.58 6.66
CA LYS A 541 -10.74 -7.07 7.21
C LYS A 541 -10.65 -7.07 8.74
N TRP A 542 -9.57 -7.61 9.30
CA TRP A 542 -9.36 -7.65 10.76
C TRP A 542 -9.22 -6.23 11.37
N LEU A 543 -8.42 -5.34 10.73
CA LEU A 543 -8.27 -3.96 11.22
C LEU A 543 -9.60 -3.23 11.29
N ASP A 544 -10.41 -3.35 10.22
CA ASP A 544 -11.70 -2.67 10.16
C ASP A 544 -12.72 -3.22 11.15
N SER A 545 -12.65 -4.51 11.48
CA SER A 545 -13.61 -5.10 12.44
C SER A 545 -13.18 -5.01 13.93
N ASP A 546 -11.87 -5.22 14.22
CA ASP A 546 -11.28 -5.33 15.55
C ASP A 546 -10.33 -4.23 16.06
N ALA A 547 -9.85 -3.33 15.18
CA ALA A 547 -8.89 -2.30 15.61
C ALA A 547 -9.39 -0.85 15.53
N ARG A 548 -10.42 -0.57 14.70
CA ARG A 548 -11.05 0.75 14.43
C ARG A 548 -10.24 1.59 13.43
#